data_4JMW
#
_entry.id   4JMW
#
_cell.length_a   51.050
_cell.length_b   74.410
_cell.length_c   106.600
_cell.angle_alpha   90.000
_cell.angle_beta   90.000
_cell.angle_gamma   90.000
#
_symmetry.space_group_name_H-M   'P 21 21 21'
#
loop_
_entity.id
_entity.type
_entity.pdbx_description
1 polymer 'Cytochrome c peroxidase'
2 non-polymer 'PROTOPORPHYRIN IX CONTAINING FE'
3 non-polymer PHENOL
4 water water
#
_entity_poly.entity_id   1
_entity_poly.type   'polypeptide(L)'
_entity_poly.pdbx_seq_one_letter_code
;LVHVASVEKGRSYEDFQKVYNAIALKLREDDEYDNYIGYGPVLVRLAWHISGTWDKHDNTGGSYGGTYRFKKEFNDPSNA
GLQNGFKFLEPIHKEFPWISSGDLFSLGGVTAVQEMQGPKIPWRCGRVDTPEDTTPDNGRLPDADKDAGYVRTFFQRLNM
NDREVVALMGAHALGKTHLKNSGYEGGGANNVFTNEFYLNLLNEDWKLEKNDANNEQWDSKSGYMMLPTDYSLIQDPKYL
SIVKEYANDQDKFFKDFSKAFEKLLENGITFPKDAPSPFIFKTLEEQGL
;
_entity_poly.pdbx_strand_id   A
#
loop_
_chem_comp.id
_chem_comp.type
_chem_comp.name
_chem_comp.formula
HEM non-polymer 'PROTOPORPHYRIN IX CONTAINING FE' 'C34 H32 Fe N4 O4'
IPH non-polymer PHENOL 'C6 H6 O'
#
# COMPACT_ATOMS: atom_id res chain seq x y z
N LEU A 1 -14.87 -8.68 18.65
CA LEU A 1 -13.30 -8.60 18.85
C LEU A 1 -12.71 -7.19 18.87
N VAL A 2 -12.06 -6.87 19.98
CA VAL A 2 -11.58 -5.50 20.23
C VAL A 2 -10.06 -5.53 20.31
N HIS A 3 -9.45 -4.64 19.54
CA HIS A 3 -8.01 -4.44 19.59
C HIS A 3 -7.73 -3.01 20.00
N VAL A 4 -7.24 -2.80 21.24
CA VAL A 4 -7.05 -1.46 21.75
C VAL A 4 -5.54 -1.09 21.52
N ALA A 5 -5.34 0.07 20.88
CA ALA A 5 -3.96 0.56 20.68
C ALA A 5 -3.29 0.78 22.02
N SER A 6 -2.06 0.32 22.12
CA SER A 6 -1.28 0.47 23.38
C SER A 6 0.12 0.98 22.95
N VAL A 7 0.41 2.21 23.33
CA VAL A 7 1.66 2.85 22.90
C VAL A 7 2.83 2.08 23.47
N GLU A 8 3.79 1.81 22.61
CA GLU A 8 5.04 1.14 23.07
C GLU A 8 5.62 1.92 24.23
N LYS A 9 6.00 1.21 25.30
CA LYS A 9 6.16 1.85 26.60
C LYS A 9 7.15 3.02 26.54
N GLY A 10 6.70 4.20 26.96
CA GLY A 10 7.49 5.39 27.07
C GLY A 10 7.81 6.10 25.79
N ARG A 11 7.34 5.60 24.65
CA ARG A 11 7.77 6.16 23.33
C ARG A 11 6.89 7.32 22.93
N SER A 12 7.48 8.22 22.16
CA SER A 12 6.77 9.41 21.68
C SER A 12 7.15 9.70 20.25
N TYR A 13 6.66 10.84 19.74
CA TYR A 13 6.92 11.20 18.33
C TYR A 13 8.38 11.00 17.91
N GLU A 14 9.32 11.48 18.72
N GLU A 14 9.31 11.49 18.73
CA GLU A 14 10.70 11.46 18.27
CA GLU A 14 10.72 11.46 18.39
C GLU A 14 11.21 10.03 18.12
C GLU A 14 11.19 10.04 18.13
N ASP A 15 10.75 9.08 18.94
CA ASP A 15 11.16 7.69 18.74
C ASP A 15 10.72 7.19 17.38
N PHE A 16 9.47 7.49 17.00
N PHE A 16 9.46 7.49 17.03
CA PHE A 16 8.96 6.98 15.70
CA PHE A 16 8.93 6.99 15.74
C PHE A 16 9.58 7.73 14.53
C PHE A 16 9.56 7.72 14.56
N GLN A 17 9.89 9.03 14.72
CA GLN A 17 10.59 9.74 13.67
C GLN A 17 11.97 9.10 13.40
N LYS A 18 12.64 8.56 14.47
CA LYS A 18 13.89 7.86 14.27
C LYS A 18 13.71 6.62 13.47
N VAL A 19 12.63 5.87 13.71
CA VAL A 19 12.34 4.69 12.92
C VAL A 19 12.08 5.03 11.46
N TYR A 20 11.20 6.04 11.27
CA TYR A 20 10.93 6.55 9.91
C TYR A 20 12.25 6.91 9.24
N ASN A 21 13.13 7.62 9.96
CA ASN A 21 14.39 8.04 9.32
C ASN A 21 15.24 6.84 8.94
N ALA A 22 15.30 5.83 9.77
CA ALA A 22 16.08 4.65 9.45
C ALA A 22 15.51 3.95 8.20
N ILE A 23 14.18 3.83 8.12
CA ILE A 23 13.56 3.25 6.91
C ILE A 23 13.91 4.12 5.71
N ALA A 24 13.77 5.44 5.83
CA ALA A 24 13.99 6.33 4.71
C ALA A 24 15.45 6.31 4.25
N LEU A 25 16.37 6.23 5.20
CA LEU A 25 17.78 6.20 4.86
C LEU A 25 18.10 4.87 4.13
N LYS A 26 17.50 3.76 4.55
CA LYS A 26 17.70 2.48 3.90
C LYS A 26 17.08 2.49 2.50
N LEU A 27 15.95 3.18 2.34
N LEU A 27 15.93 3.15 2.32
CA LEU A 27 15.33 3.31 1.03
CA LEU A 27 15.33 3.28 0.98
C LEU A 27 16.28 3.98 0.07
C LEU A 27 16.30 4.00 0.04
N ARG A 28 16.96 5.02 0.54
CA ARG A 28 17.94 5.75 -0.24
C ARG A 28 19.15 4.85 -0.55
N GLU A 29 19.64 4.09 0.43
CA GLU A 29 20.86 3.27 0.29
C GLU A 29 20.69 2.08 -0.64
N ASP A 30 19.56 1.39 -0.53
CA ASP A 30 19.34 0.15 -1.26
C ASP A 30 18.63 0.41 -2.59
N ASP A 31 19.29 1.18 -3.41
CA ASP A 31 18.70 1.77 -4.59
C ASP A 31 18.58 0.81 -5.77
N GLU A 32 19.33 -0.28 -5.75
N GLU A 32 19.33 -0.28 -5.74
CA GLU A 32 19.41 -1.18 -6.91
CA GLU A 32 19.42 -1.18 -6.89
C GLU A 32 18.23 -2.10 -7.05
C GLU A 32 18.23 -2.10 -7.04
N TYR A 33 17.47 -2.31 -5.96
CA TYR A 33 16.44 -3.31 -5.95
C TYR A 33 15.45 -3.12 -7.10
N ASP A 34 15.13 -4.23 -7.73
CA ASP A 34 14.10 -4.28 -8.81
C ASP A 34 14.46 -3.35 -9.90
N ASN A 35 15.67 -3.56 -10.45
CA ASN A 35 16.14 -2.71 -11.56
C ASN A 35 16.02 -1.22 -11.30
N TYR A 36 16.47 -0.86 -10.09
CA TYR A 36 16.61 0.53 -9.63
C TYR A 36 15.27 1.17 -9.38
N ILE A 37 14.17 0.38 -9.28
CA ILE A 37 12.94 1.01 -8.73
C ILE A 37 13.17 1.35 -7.23
N GLY A 38 13.94 0.52 -6.52
CA GLY A 38 14.09 0.65 -5.09
C GLY A 38 12.89 0.01 -4.37
N TYR A 39 12.96 0.04 -3.04
N TYR A 39 12.95 0.00 -3.03
CA TYR A 39 12.00 -0.67 -2.21
CA TYR A 39 11.96 -0.73 -2.22
C TYR A 39 10.71 0.09 -1.92
C TYR A 39 10.69 0.07 -1.92
N GLY A 40 10.56 1.31 -2.40
CA GLY A 40 9.36 2.07 -2.02
C GLY A 40 8.06 1.36 -2.37
N PRO A 41 7.90 1.00 -3.64
CA PRO A 41 6.62 0.41 -4.06
C PRO A 41 6.31 -0.87 -3.31
N VAL A 42 7.29 -1.80 -3.13
CA VAL A 42 6.95 -3.03 -2.47
C VAL A 42 6.62 -2.76 -0.99
N LEU A 43 7.17 -1.73 -0.35
CA LEU A 43 6.79 -1.44 1.03
C LEU A 43 5.35 -0.89 1.11
N VAL A 44 4.92 -0.12 0.12
CA VAL A 44 3.51 0.30 0.07
C VAL A 44 2.61 -0.88 -0.09
N ARG A 45 2.97 -1.78 -1.03
N ARG A 45 2.96 -1.81 -0.98
CA ARG A 45 2.18 -2.99 -1.27
CA ARG A 45 2.08 -2.96 -1.15
C ARG A 45 2.11 -3.85 0.01
C ARG A 45 2.06 -3.79 0.12
N LEU A 46 3.23 -3.95 0.76
CA LEU A 46 3.26 -4.73 2.00
C LEU A 46 2.32 -4.13 3.04
N ALA A 47 2.38 -2.80 3.23
CA ALA A 47 1.47 -2.17 4.22
C ALA A 47 0.01 -2.43 3.87
N TRP A 48 -0.33 -2.36 2.59
CA TRP A 48 -1.69 -2.61 2.16
C TRP A 48 -2.04 -4.08 2.37
N HIS A 49 -1.20 -5.04 2.03
CA HIS A 49 -1.57 -6.43 2.18
C HIS A 49 -1.71 -6.85 3.62
N ILE A 50 -0.94 -6.27 4.55
CA ILE A 50 -1.07 -6.62 5.93
C ILE A 50 -2.32 -6.02 6.54
N SER A 51 -2.81 -4.93 5.97
CA SER A 51 -4.05 -4.30 6.42
C SER A 51 -5.27 -4.88 5.74
N GLY A 52 -5.11 -5.31 4.50
CA GLY A 52 -6.21 -5.70 3.65
C GLY A 52 -6.81 -7.10 3.94
N THR A 53 -6.24 -7.81 4.92
CA THR A 53 -6.88 -9.02 5.46
C THR A 53 -8.06 -8.69 6.39
N TRP A 54 -8.27 -7.42 6.74
CA TRP A 54 -9.30 -7.08 7.71
C TRP A 54 -10.69 -7.51 7.21
N ASP A 55 -11.54 -7.89 8.17
CA ASP A 55 -12.95 -8.13 7.87
C ASP A 55 -13.74 -7.34 8.87
N LYS A 56 -14.47 -6.32 8.40
CA LYS A 56 -15.25 -5.47 9.27
C LYS A 56 -16.31 -6.27 10.08
N HIS A 57 -16.74 -7.41 9.56
CA HIS A 57 -17.89 -8.09 10.24
C HIS A 57 -17.46 -8.66 11.59
N ASP A 58 -16.22 -9.12 11.74
CA ASP A 58 -15.82 -9.76 12.96
C ASP A 58 -14.50 -9.23 13.52
N ASN A 59 -13.90 -8.23 12.84
CA ASN A 59 -12.64 -7.67 13.23
C ASN A 59 -11.51 -8.69 13.21
N THR A 60 -11.58 -9.70 12.35
CA THR A 60 -10.46 -10.56 12.13
C THR A 60 -9.51 -9.87 11.12
N GLY A 61 -8.28 -10.39 11.08
CA GLY A 61 -7.29 -9.79 10.16
C GLY A 61 -6.95 -8.39 10.60
N GLY A 62 -6.45 -7.60 9.64
CA GLY A 62 -6.08 -6.19 9.90
C GLY A 62 -4.62 -6.05 10.37
N SER A 63 -4.17 -4.79 10.37
CA SER A 63 -2.76 -4.54 10.68
C SER A 63 -2.38 -4.72 12.14
N TYR A 64 -3.36 -4.69 13.05
CA TYR A 64 -3.04 -4.61 14.47
C TYR A 64 -2.06 -5.70 14.93
N GLY A 65 -2.32 -6.96 14.59
CA GLY A 65 -1.59 -8.06 15.23
C GLY A 65 -0.27 -8.38 14.57
N GLY A 66 0.08 -7.75 13.43
CA GLY A 66 1.38 -8.06 12.86
C GLY A 66 1.53 -9.48 12.37
N THR A 67 0.42 -10.06 11.92
CA THR A 67 0.40 -11.49 11.65
C THR A 67 1.12 -11.96 10.38
N TYR A 68 1.53 -11.02 9.54
CA TYR A 68 2.29 -11.31 8.35
C TYR A 68 3.62 -12.00 8.74
N ARG A 69 4.08 -11.77 9.98
CA ARG A 69 5.32 -12.45 10.42
C ARG A 69 5.17 -13.96 10.50
N PHE A 70 3.96 -14.51 10.44
CA PHE A 70 3.73 -15.98 10.55
C PHE A 70 3.58 -16.59 9.21
N LYS A 71 4.12 -17.79 9.06
CA LYS A 71 4.25 -18.43 7.77
C LYS A 71 2.93 -18.58 7.03
N LYS A 72 1.83 -18.88 7.68
CA LYS A 72 0.60 -19.04 6.91
C LYS A 72 0.35 -17.79 6.05
N GLU A 73 0.56 -16.62 6.65
N GLU A 73 0.55 -16.61 6.64
CA GLU A 73 0.29 -15.35 5.97
CA GLU A 73 0.24 -15.35 5.95
C GLU A 73 1.46 -14.94 5.04
C GLU A 73 1.40 -14.94 5.01
N PHE A 74 2.75 -15.08 5.45
N PHE A 74 2.64 -15.11 5.50
CA PHE A 74 3.74 -14.62 4.46
CA PHE A 74 3.85 -14.84 4.73
C PHE A 74 3.83 -15.56 3.28
C PHE A 74 3.81 -15.63 3.40
N ASN A 75 3.32 -16.79 3.43
N ASN A 75 3.27 -16.85 3.46
CA ASN A 75 3.26 -17.73 2.30
CA ASN A 75 3.24 -17.76 2.30
C ASN A 75 1.95 -17.64 1.50
C ASN A 75 1.95 -17.64 1.50
N ASP A 76 1.06 -16.71 1.84
CA ASP A 76 -0.15 -16.57 1.02
C ASP A 76 0.25 -16.32 -0.42
N PRO A 77 -0.30 -17.08 -1.39
CA PRO A 77 0.05 -16.77 -2.79
C PRO A 77 -0.20 -15.30 -3.18
N SER A 78 -1.19 -14.67 -2.53
CA SER A 78 -1.48 -13.25 -2.79
C SER A 78 -0.35 -12.33 -2.36
N ASN A 79 0.53 -12.84 -1.48
CA ASN A 79 1.63 -12.06 -0.92
C ASN A 79 2.97 -12.34 -1.59
N ALA A 80 2.96 -13.10 -2.71
CA ALA A 80 4.23 -13.45 -3.33
C ALA A 80 5.00 -12.20 -3.75
N GLY A 81 6.28 -12.13 -3.37
CA GLY A 81 7.10 -10.96 -3.66
C GLY A 81 7.27 -10.07 -2.43
N LEU A 82 6.31 -10.08 -1.50
CA LEU A 82 6.39 -9.20 -0.33
C LEU A 82 7.47 -9.57 0.62
N GLN A 83 7.99 -10.80 0.52
CA GLN A 83 9.14 -11.20 1.33
C GLN A 83 10.30 -10.25 1.13
N ASN A 84 10.41 -9.60 -0.04
CA ASN A 84 11.45 -8.62 -0.25
C ASN A 84 11.28 -7.42 0.68
N GLY A 85 10.03 -6.98 0.87
CA GLY A 85 9.77 -5.90 1.84
C GLY A 85 10.03 -6.33 3.25
N PHE A 86 9.68 -7.56 3.58
N PHE A 86 9.67 -7.55 3.61
CA PHE A 86 9.96 -8.04 4.93
CA PHE A 86 9.91 -8.09 4.95
C PHE A 86 11.45 -8.06 5.19
C PHE A 86 11.41 -8.10 5.26
N LYS A 87 12.23 -8.56 4.22
N LYS A 87 12.19 -8.61 4.29
CA LYS A 87 13.67 -8.63 4.42
CA LYS A 87 13.65 -8.60 4.43
C LYS A 87 14.28 -7.23 4.54
C LYS A 87 14.25 -7.21 4.58
N PHE A 88 13.74 -6.26 3.80
CA PHE A 88 14.21 -4.90 3.92
C PHE A 88 13.94 -4.38 5.36
N LEU A 89 12.79 -4.71 5.95
CA LEU A 89 12.47 -4.19 7.27
C LEU A 89 13.19 -4.93 8.41
N GLU A 90 13.73 -6.10 8.14
N GLU A 90 13.78 -6.11 8.14
CA GLU A 90 14.40 -6.87 9.20
CA GLU A 90 14.41 -6.87 9.24
C GLU A 90 15.48 -6.09 9.97
C GLU A 90 15.50 -6.08 9.98
N PRO A 91 16.40 -5.39 9.26
CA PRO A 91 17.44 -4.67 10.04
C PRO A 91 16.82 -3.50 10.79
N ILE A 92 15.71 -2.96 10.31
CA ILE A 92 15.03 -1.90 11.08
C ILE A 92 14.46 -2.46 12.37
N HIS A 93 13.80 -3.62 12.28
N HIS A 93 13.78 -3.59 12.31
CA HIS A 93 13.28 -4.37 13.44
CA HIS A 93 13.32 -4.15 13.55
C HIS A 93 14.40 -4.69 14.43
C HIS A 93 14.53 -4.42 14.45
N LYS A 94 15.60 -5.00 13.92
N LYS A 94 15.61 -5.01 13.92
CA LYS A 94 16.72 -5.32 14.82
CA LYS A 94 16.75 -5.32 14.79
C LYS A 94 17.28 -4.10 15.52
C LYS A 94 17.27 -4.09 15.52
N GLU A 95 17.31 -2.95 14.84
CA GLU A 95 17.76 -1.75 15.45
C GLU A 95 16.76 -1.21 16.46
N PHE A 96 15.47 -1.39 16.19
CA PHE A 96 14.39 -0.85 17.03
C PHE A 96 13.51 -1.99 17.45
N PRO A 97 13.98 -2.88 18.33
N PRO A 97 13.96 -2.82 18.40
CA PRO A 97 13.17 -4.06 18.59
CA PRO A 97 13.22 -4.04 18.71
C PRO A 97 11.91 -3.78 19.41
C PRO A 97 11.91 -3.78 19.42
N TRP A 98 11.79 -2.55 19.95
CA TRP A 98 10.62 -2.13 20.69
C TRP A 98 9.40 -1.84 19.82
N ILE A 99 9.57 -1.58 18.52
CA ILE A 99 8.36 -1.24 17.71
C ILE A 99 7.61 -2.54 17.39
N SER A 100 6.30 -2.54 17.51
CA SER A 100 5.53 -3.72 17.20
C SER A 100 5.62 -4.04 15.71
N SER A 101 5.30 -5.28 15.38
N SER A 101 5.34 -5.28 15.33
CA SER A 101 5.43 -5.69 13.99
CA SER A 101 5.49 -5.62 13.91
C SER A 101 4.41 -4.92 13.13
C SER A 101 4.39 -4.93 13.06
N GLY A 102 3.15 -4.85 13.58
CA GLY A 102 2.15 -4.10 12.80
C GLY A 102 2.51 -2.64 12.67
N ASP A 103 3.07 -2.05 13.73
CA ASP A 103 3.51 -0.64 13.64
C ASP A 103 4.62 -0.52 12.59
N LEU A 104 5.57 -1.46 12.59
CA LEU A 104 6.66 -1.37 11.62
C LEU A 104 6.19 -1.57 10.18
N PHE A 105 5.33 -2.59 9.93
CA PHE A 105 4.92 -2.81 8.55
C PHE A 105 4.13 -1.61 8.03
N SER A 106 3.23 -1.07 8.86
CA SER A 106 2.43 0.08 8.41
C SER A 106 3.29 1.34 8.27
N LEU A 107 4.22 1.56 9.21
CA LEU A 107 5.12 2.71 9.09
C LEU A 107 6.00 2.58 7.85
N GLY A 108 6.37 1.36 7.49
CA GLY A 108 7.11 1.21 6.24
C GLY A 108 6.36 1.78 5.05
N GLY A 109 5.06 1.53 4.98
CA GLY A 109 4.26 2.06 3.89
C GLY A 109 4.13 3.56 3.90
N VAL A 110 3.89 4.14 5.09
CA VAL A 110 3.84 5.58 5.23
C VAL A 110 5.15 6.21 4.79
N THR A 111 6.27 5.65 5.29
CA THR A 111 7.58 6.23 4.96
C THR A 111 7.82 6.16 3.46
N ALA A 112 7.50 5.01 2.86
CA ALA A 112 7.69 4.88 1.40
C ALA A 112 6.88 5.93 0.65
N VAL A 113 5.57 6.08 0.96
CA VAL A 113 4.78 7.05 0.23
C VAL A 113 5.40 8.45 0.35
N GLN A 114 5.74 8.84 1.58
CA GLN A 114 6.25 10.20 1.76
C GLN A 114 7.58 10.41 1.10
N GLU A 115 8.48 9.42 1.22
CA GLU A 115 9.83 9.60 0.65
C GLU A 115 9.76 9.59 -0.87
N MET A 116 8.75 8.95 -1.45
CA MET A 116 8.49 8.99 -2.93
C MET A 116 7.74 10.27 -3.33
N GLN A 117 7.69 11.28 -2.46
CA GLN A 117 7.12 12.59 -2.80
C GLN A 117 5.61 12.53 -2.80
N GLY A 118 5.02 11.53 -2.16
CA GLY A 118 3.58 11.46 -2.00
C GLY A 118 3.07 12.38 -0.93
N PRO A 119 1.77 12.30 -0.62
CA PRO A 119 1.21 13.11 0.46
C PRO A 119 1.79 12.70 1.80
N LYS A 120 1.70 13.62 2.75
CA LYS A 120 1.86 13.22 4.17
CA LYS A 120 1.88 13.22 4.15
C LYS A 120 0.74 12.29 4.55
N ILE A 121 1.08 11.23 5.27
N ILE A 121 1.04 11.24 5.32
CA ILE A 121 0.11 10.27 5.76
CA ILE A 121 0.03 10.32 5.80
C ILE A 121 0.22 10.30 7.30
C ILE A 121 0.14 10.19 7.30
N PRO A 122 -0.75 10.86 8.02
CA PRO A 122 -0.69 10.76 9.48
C PRO A 122 -0.69 9.29 9.88
N TRP A 123 0.03 9.01 10.96
CA TRP A 123 0.21 7.60 11.40
C TRP A 123 0.14 7.53 12.90
N ARG A 124 -0.54 6.49 13.37
CA ARG A 124 -0.72 6.29 14.82
C ARG A 124 0.01 5.02 15.22
N CYS A 125 0.66 5.08 16.38
CA CYS A 125 1.28 3.91 16.95
C CYS A 125 0.30 3.12 17.82
N GLY A 126 0.77 1.94 18.25
CA GLY A 126 0.06 1.17 19.27
C GLY A 126 -0.51 -0.14 18.85
N ARG A 127 -0.24 -0.58 17.62
CA ARG A 127 -0.57 -1.94 17.26
C ARG A 127 0.24 -2.89 18.18
N VAL A 128 -0.33 -4.06 18.51
CA VAL A 128 0.32 -5.00 19.47
C VAL A 128 0.34 -6.36 18.82
N ASP A 129 1.51 -7.00 18.81
CA ASP A 129 1.61 -8.32 18.20
C ASP A 129 0.63 -9.27 18.86
N THR A 130 -0.06 -10.08 18.05
CA THR A 130 -0.93 -11.14 18.55
C THR A 130 -0.39 -12.50 18.09
N PRO A 131 -0.86 -13.60 18.73
CA PRO A 131 -0.23 -14.91 18.50
C PRO A 131 -0.53 -15.58 17.16
N GLU A 132 0.19 -16.64 16.84
CA GLU A 132 0.10 -17.25 15.54
C GLU A 132 -1.31 -17.71 15.21
N ASP A 133 -2.08 -18.12 16.22
N ASP A 133 -2.07 -18.12 16.23
CA ASP A 133 -3.43 -18.58 15.89
CA ASP A 133 -3.46 -18.55 16.03
C ASP A 133 -4.38 -17.47 15.51
C ASP A 133 -4.41 -17.46 15.58
N THR A 134 -3.97 -16.21 15.64
CA THR A 134 -4.81 -15.08 15.20
C THR A 134 -4.56 -14.72 13.73
N THR A 135 -3.67 -15.44 13.06
CA THR A 135 -3.34 -15.13 11.68
C THR A 135 -4.55 -15.48 10.80
N PRO A 136 -5.00 -14.55 9.95
CA PRO A 136 -6.11 -14.85 9.05
C PRO A 136 -5.73 -15.87 7.98
N ASP A 137 -6.67 -16.73 7.61
CA ASP A 137 -6.44 -17.62 6.45
C ASP A 137 -6.17 -16.86 5.17
N ASN A 138 -5.47 -17.52 4.25
CA ASN A 138 -5.28 -16.99 2.92
C ASN A 138 -6.63 -16.78 2.20
N GLY A 139 -6.65 -15.88 1.22
CA GLY A 139 -7.79 -15.74 0.34
C GLY A 139 -8.59 -14.48 0.64
N ARG A 140 -8.10 -13.58 1.51
CA ARG A 140 -8.83 -12.32 1.85
C ARG A 140 -8.39 -11.15 0.97
N LEU A 141 -7.31 -11.31 0.20
CA LEU A 141 -6.85 -10.22 -0.63
C LEU A 141 -7.49 -10.33 -2.02
N PRO A 142 -7.55 -9.27 -2.82
CA PRO A 142 -8.42 -9.32 -4.01
C PRO A 142 -7.77 -9.95 -5.22
N ASP A 143 -8.61 -10.54 -6.06
CA ASP A 143 -8.20 -11.00 -7.41
C ASP A 143 -8.12 -9.88 -8.40
N ALA A 144 -7.24 -10.01 -9.37
CA ALA A 144 -7.00 -8.93 -10.37
C ALA A 144 -7.77 -9.17 -11.68
N ASP A 145 -8.34 -10.36 -11.88
N ASP A 145 -8.35 -10.36 -11.86
CA ASP A 145 -8.94 -10.72 -13.16
CA ASP A 145 -8.98 -10.76 -13.12
C ASP A 145 -10.41 -10.36 -13.25
C ASP A 145 -10.50 -10.65 -12.98
N LYS A 146 -10.90 -9.57 -12.31
N LYS A 146 -11.00 -9.52 -12.52
CA LYS A 146 -12.28 -9.28 -12.08
CA LYS A 146 -12.42 -9.38 -12.26
C LYS A 146 -12.76 -7.92 -12.57
C LYS A 146 -12.84 -7.98 -12.66
N ASP A 147 -14.05 -7.66 -12.44
N ASP A 147 -14.13 -7.68 -12.40
CA ASP A 147 -14.66 -6.45 -12.99
CA ASP A 147 -14.74 -6.48 -12.93
C ASP A 147 -15.01 -5.46 -11.87
C ASP A 147 -15.08 -5.49 -11.81
N ALA A 148 -15.70 -4.35 -12.22
CA ALA A 148 -15.95 -3.29 -11.27
C ALA A 148 -16.86 -3.74 -10.15
N GLY A 149 -17.85 -4.59 -10.46
CA GLY A 149 -18.75 -5.00 -9.40
C GLY A 149 -18.03 -5.84 -8.35
N TYR A 150 -17.08 -6.68 -8.79
CA TYR A 150 -16.27 -7.42 -7.86
C TYR A 150 -15.46 -6.48 -6.96
N VAL A 151 -14.83 -5.45 -7.56
CA VAL A 151 -13.97 -4.52 -6.82
C VAL A 151 -14.84 -3.82 -5.77
N ARG A 152 -16.02 -3.32 -6.18
CA ARG A 152 -16.89 -2.59 -5.27
C ARG A 152 -17.30 -3.47 -4.10
N THR A 153 -17.76 -4.68 -4.39
CA THR A 153 -18.18 -5.58 -3.31
C THR A 153 -17.00 -5.96 -2.42
N PHE A 154 -15.84 -6.25 -3.02
CA PHE A 154 -14.66 -6.63 -2.27
C PHE A 154 -14.35 -5.58 -1.21
N PHE A 155 -14.32 -4.31 -1.63
CA PHE A 155 -13.87 -3.27 -0.74
C PHE A 155 -14.91 -2.89 0.31
N GLN A 156 -16.19 -3.29 0.16
CA GLN A 156 -17.16 -3.12 1.26
C GLN A 156 -16.69 -3.88 2.51
N ARG A 157 -15.96 -4.98 2.33
CA ARG A 157 -15.52 -5.73 3.51
C ARG A 157 -14.51 -4.94 4.32
N LEU A 158 -13.81 -4.02 3.66
CA LEU A 158 -12.80 -3.12 4.24
C LEU A 158 -13.42 -1.77 4.59
N ASN A 159 -14.75 -1.66 4.50
CA ASN A 159 -15.46 -0.44 4.79
C ASN A 159 -15.00 0.72 3.95
N MET A 160 -14.68 0.44 2.66
CA MET A 160 -14.27 1.53 1.73
C MET A 160 -15.38 1.78 0.71
N ASN A 161 -15.64 3.04 0.41
CA ASN A 161 -16.64 3.45 -0.58
C ASN A 161 -15.96 3.70 -1.95
N ASP A 162 -16.79 4.14 -2.93
CA ASP A 162 -16.24 4.30 -4.27
C ASP A 162 -15.07 5.27 -4.30
N ARG A 163 -15.19 6.41 -3.65
N ARG A 163 -15.21 6.41 -3.64
CA ARG A 163 -14.10 7.37 -3.69
CA ARG A 163 -14.15 7.40 -3.65
C ARG A 163 -12.85 6.82 -3.06
C ARG A 163 -12.87 6.86 -3.03
N GLU A 164 -12.98 6.12 -1.94
CA GLU A 164 -11.83 5.56 -1.23
C GLU A 164 -11.17 4.51 -2.09
N VAL A 165 -11.96 3.66 -2.75
CA VAL A 165 -11.40 2.62 -3.65
C VAL A 165 -10.61 3.23 -4.78
N VAL A 166 -11.23 4.24 -5.45
CA VAL A 166 -10.53 4.81 -6.60
C VAL A 166 -9.28 5.53 -6.13
N ALA A 167 -9.33 6.23 -5.01
CA ALA A 167 -8.11 6.89 -4.47
C ALA A 167 -7.06 5.87 -4.15
N LEU A 168 -7.38 4.79 -3.42
CA LEU A 168 -6.35 3.82 -3.05
C LEU A 168 -5.71 3.21 -4.28
N MET A 169 -6.47 3.00 -5.33
N MET A 169 -6.49 2.95 -5.31
CA MET A 169 -5.94 2.26 -6.52
CA MET A 169 -5.95 2.28 -6.49
C MET A 169 -4.89 3.15 -7.21
C MET A 169 -4.93 3.16 -7.25
N GLY A 170 -4.86 4.46 -6.95
CA GLY A 170 -3.82 5.29 -7.54
C GLY A 170 -2.41 4.86 -7.17
N ALA A 171 -2.24 4.05 -6.13
CA ALA A 171 -0.93 3.47 -5.83
C ALA A 171 -0.42 2.62 -6.96
N HIS A 172 -1.28 2.20 -7.90
CA HIS A 172 -0.80 1.41 -9.06
C HIS A 172 -0.04 2.26 -10.10
N ALA A 173 0.17 3.55 -9.80
CA ALA A 173 1.20 4.28 -10.52
C ALA A 173 2.57 3.94 -10.08
N LEU A 174 2.75 3.21 -8.99
CA LEU A 174 4.06 2.87 -8.42
C LEU A 174 4.51 1.49 -8.88
N GLY A 175 5.82 1.33 -9.09
CA GLY A 175 6.33 -0.03 -9.20
C GLY A 175 5.88 -0.73 -10.43
N LYS A 176 5.75 -2.05 -10.32
CA LYS A 176 5.34 -2.84 -11.50
C LYS A 176 4.80 -4.15 -11.01
N THR A 177 4.16 -4.88 -11.94
CA THR A 177 3.81 -6.27 -11.74
C THR A 177 4.96 -7.15 -12.24
N HIS A 178 5.07 -8.31 -11.63
CA HIS A 178 6.18 -9.26 -11.95
C HIS A 178 5.55 -10.60 -12.22
N LEU A 179 5.84 -11.14 -13.45
CA LEU A 179 5.12 -12.36 -13.85
C LEU A 179 5.21 -13.48 -12.80
N LYS A 180 6.40 -13.66 -12.24
CA LYS A 180 6.61 -14.77 -11.29
C LYS A 180 5.87 -14.58 -9.98
N ASN A 181 5.53 -13.34 -9.62
CA ASN A 181 4.80 -13.14 -8.35
C ASN A 181 3.30 -13.32 -8.57
N SER A 182 2.73 -12.73 -9.63
CA SER A 182 1.27 -12.56 -9.70
C SER A 182 0.67 -13.08 -11.01
N GLY A 183 1.50 -13.46 -12.00
CA GLY A 183 0.94 -13.77 -13.33
C GLY A 183 0.59 -12.58 -14.17
N TYR A 184 1.14 -11.41 -13.83
CA TYR A 184 1.03 -10.18 -14.61
C TYR A 184 2.40 -9.59 -14.82
N GLU A 185 2.65 -8.94 -15.93
CA GLU A 185 3.93 -8.32 -16.16
C GLU A 185 3.83 -6.97 -16.81
N GLY A 186 4.43 -5.97 -16.20
CA GLY A 186 4.44 -4.65 -16.81
C GLY A 186 4.22 -3.57 -15.78
N GLY A 187 4.16 -2.33 -16.22
CA GLY A 187 3.95 -1.21 -15.33
C GLY A 187 4.98 -0.16 -15.59
N GLY A 188 4.80 0.99 -14.95
CA GLY A 188 5.65 2.13 -15.24
C GLY A 188 7.03 2.07 -14.62
N ALA A 189 7.23 1.19 -13.64
N ALA A 189 7.24 1.18 -13.64
CA ALA A 189 8.52 1.13 -12.91
CA ALA A 189 8.53 1.12 -12.91
C ALA A 189 8.84 2.44 -12.20
C ALA A 189 8.85 2.42 -12.21
N ASN A 190 7.80 3.19 -11.79
N ASN A 190 7.81 3.17 -11.80
CA ASN A 190 8.05 4.50 -11.17
CA ASN A 190 7.93 4.48 -11.15
C ASN A 190 8.21 4.40 -9.67
C ASN A 190 8.21 4.38 -9.67
N ASN A 191 9.05 5.28 -9.14
CA ASN A 191 9.25 5.36 -7.70
C ASN A 191 9.03 6.77 -7.21
N VAL A 192 8.21 7.52 -7.94
CA VAL A 192 7.75 8.87 -7.53
C VAL A 192 6.20 8.78 -7.53
N PHE A 193 5.60 9.20 -6.44
CA PHE A 193 4.15 9.11 -6.23
C PHE A 193 3.46 10.31 -6.89
N THR A 194 2.58 10.04 -7.85
CA THR A 194 1.85 11.08 -8.60
C THR A 194 0.46 10.55 -8.85
N ASN A 195 -0.37 11.37 -9.51
CA ASN A 195 -1.68 10.95 -9.99
C ASN A 195 -1.66 10.38 -11.41
N GLU A 196 -0.51 9.86 -11.85
N GLU A 196 -0.51 9.85 -11.85
CA GLU A 196 -0.42 9.38 -13.22
CA GLU A 196 -0.42 9.36 -13.21
C GLU A 196 -1.30 8.15 -13.52
C GLU A 196 -1.30 8.15 -13.52
N PHE A 197 -1.67 7.39 -12.49
CA PHE A 197 -2.52 6.21 -12.76
C PHE A 197 -3.79 6.66 -13.51
N TYR A 198 -4.40 7.76 -13.05
CA TYR A 198 -5.64 8.26 -13.60
C TYR A 198 -5.46 8.85 -14.98
N LEU A 199 -4.38 9.65 -15.13
CA LEU A 199 -4.07 10.19 -16.46
C LEU A 199 -3.81 9.06 -17.45
N ASN A 200 -3.07 8.06 -17.06
CA ASN A 200 -2.81 6.99 -17.98
C ASN A 200 -4.08 6.24 -18.35
N LEU A 201 -4.94 5.98 -17.37
CA LEU A 201 -6.23 5.33 -17.70
C LEU A 201 -6.97 6.10 -18.77
N LEU A 202 -7.04 7.41 -18.62
CA LEU A 202 -7.87 8.21 -19.53
C LEU A 202 -7.21 8.50 -20.84
N ASN A 203 -5.88 8.59 -20.89
CA ASN A 203 -5.18 9.17 -22.05
C ASN A 203 -4.45 8.18 -22.92
N GLU A 204 -4.15 6.99 -22.43
N GLU A 204 -4.16 6.99 -22.43
CA GLU A 204 -3.38 6.01 -23.20
CA GLU A 204 -3.38 6.05 -23.21
C GLU A 204 -4.28 5.28 -24.15
C GLU A 204 -4.26 5.14 -24.06
N ASP A 205 -3.69 4.63 -25.13
CA ASP A 205 -4.40 3.79 -26.09
C ASP A 205 -4.20 2.37 -25.61
N TRP A 206 -5.26 1.82 -25.02
CA TRP A 206 -5.16 0.50 -24.31
C TRP A 206 -5.60 -0.66 -25.18
N LYS A 207 -4.87 -1.75 -25.12
CA LYS A 207 -5.29 -2.96 -25.84
CA LYS A 207 -5.15 -2.97 -25.88
C LYS A 207 -5.28 -4.13 -24.88
N LEU A 208 -6.33 -4.93 -24.97
CA LEU A 208 -6.49 -6.07 -24.10
C LEU A 208 -5.72 -7.26 -24.65
N GLU A 209 -4.65 -7.66 -24.00
CA GLU A 209 -3.74 -8.65 -24.53
C GLU A 209 -3.56 -9.79 -23.56
N LYS A 210 -3.06 -10.93 -24.01
N LYS A 210 -2.96 -10.90 -24.00
CA LYS A 210 -2.61 -11.94 -23.07
CA LYS A 210 -2.59 -12.04 -23.14
C LYS A 210 -1.13 -11.75 -22.86
C LYS A 210 -1.10 -12.03 -22.87
N ASN A 211 -0.75 -12.01 -21.60
CA ASN A 211 0.66 -12.00 -21.23
C ASN A 211 1.21 -13.42 -21.27
N ASP A 212 2.49 -13.59 -20.88
CA ASP A 212 3.13 -14.89 -21.04
C ASP A 212 2.66 -15.94 -20.02
N ALA A 213 1.86 -15.52 -19.03
CA ALA A 213 1.24 -16.48 -18.13
C ALA A 213 -0.19 -16.81 -18.56
N ASN A 214 -0.57 -16.36 -19.78
CA ASN A 214 -1.91 -16.61 -20.38
C ASN A 214 -3.04 -15.89 -19.62
N ASN A 215 -2.69 -14.80 -18.94
CA ASN A 215 -3.72 -13.95 -18.33
C ASN A 215 -3.91 -12.67 -19.12
N GLU A 216 -5.14 -12.18 -19.13
CA GLU A 216 -5.41 -10.93 -19.83
C GLU A 216 -4.97 -9.70 -19.01
N GLN A 217 -4.43 -8.72 -19.69
CA GLN A 217 -4.09 -7.41 -19.06
C GLN A 217 -4.18 -6.37 -20.14
N TRP A 218 -4.38 -5.12 -19.78
CA TRP A 218 -4.44 -4.01 -20.70
C TRP A 218 -3.06 -3.39 -20.84
N ASP A 219 -2.60 -3.26 -22.10
CA ASP A 219 -1.25 -2.74 -22.37
C ASP A 219 -1.36 -1.52 -23.23
N SER A 220 -0.49 -0.54 -23.02
N SER A 220 -0.54 -0.54 -22.97
CA SER A 220 -0.58 0.65 -23.86
CA SER A 220 -0.70 0.64 -23.79
C SER A 220 0.57 0.71 -24.78
C SER A 220 0.36 0.67 -24.79
N LYS A 221 0.40 1.48 -25.85
N LYS A 221 0.02 1.38 -25.89
CA LYS A 221 1.49 1.64 -26.79
CA LYS A 221 0.91 1.52 -27.01
C LYS A 221 2.80 2.12 -26.09
C LYS A 221 2.20 2.12 -26.51
N SER A 222 2.66 3.06 -25.13
N SER A 222 2.08 3.01 -25.51
CA SER A 222 3.77 3.69 -24.44
CA SER A 222 3.21 3.66 -24.85
C SER A 222 4.40 2.82 -23.36
C SER A 222 4.03 2.85 -23.89
N GLY A 223 3.91 1.59 -23.23
N GLY A 223 3.60 1.67 -23.46
CA GLY A 223 4.54 0.65 -22.31
CA GLY A 223 4.44 0.93 -22.52
C GLY A 223 3.97 0.55 -20.90
C GLY A 223 3.90 0.66 -21.10
N TYR A 224 2.79 1.11 -20.66
N TYR A 224 2.73 1.20 -20.76
CA TYR A 224 2.15 1.00 -19.34
CA TYR A 224 2.13 1.04 -19.43
C TYR A 224 1.20 -0.19 -19.38
C TYR A 224 1.20 -0.16 -19.45
N MET A 225 0.70 -0.57 -18.22
N MET A 225 0.68 -0.51 -18.27
CA MET A 225 -0.28 -1.64 -18.15
CA MET A 225 -0.22 -1.65 -18.16
C MET A 225 -1.32 -1.29 -17.12
C MET A 225 -1.22 -1.49 -17.02
N MET A 226 -2.45 -1.97 -17.24
CA MET A 226 -3.55 -1.96 -16.25
C MET A 226 -4.06 -3.34 -16.06
N LEU A 227 -4.26 -3.76 -14.80
CA LEU A 227 -4.95 -5.03 -14.52
C LEU A 227 -6.38 -4.88 -14.97
N PRO A 228 -7.09 -6.02 -15.17
CA PRO A 228 -8.54 -5.90 -15.41
C PRO A 228 -9.27 -5.11 -14.32
N THR A 229 -8.91 -5.29 -13.06
CA THR A 229 -9.56 -4.51 -11.99
C THR A 229 -9.22 -3.02 -12.07
N ASP A 230 -8.02 -2.66 -12.53
CA ASP A 230 -7.68 -1.24 -12.73
C ASP A 230 -8.55 -0.68 -13.84
N TYR A 231 -8.63 -1.36 -14.98
CA TYR A 231 -9.35 -0.86 -16.12
C TYR A 231 -10.84 -0.78 -15.82
N SER A 232 -11.33 -1.61 -14.90
CA SER A 232 -12.74 -1.55 -14.54
C SER A 232 -13.13 -0.17 -14.01
N LEU A 233 -12.14 0.58 -13.48
CA LEU A 233 -12.45 1.94 -12.94
C LEU A 233 -12.83 2.92 -14.03
N ILE A 234 -12.58 2.60 -15.30
CA ILE A 234 -13.08 3.45 -16.39
C ILE A 234 -14.23 2.77 -17.14
N GLN A 235 -14.57 1.56 -16.81
N GLN A 235 -14.57 1.55 -16.80
CA GLN A 235 -15.73 0.90 -17.42
CA GLN A 235 -15.72 0.84 -17.36
C GLN A 235 -16.99 1.24 -16.61
C GLN A 235 -16.99 1.08 -16.59
N ASP A 236 -16.91 1.37 -15.32
CA ASP A 236 -18.04 1.68 -14.47
C ASP A 236 -18.24 3.16 -14.43
N PRO A 237 -19.46 3.65 -14.67
CA PRO A 237 -19.60 5.11 -14.79
C PRO A 237 -19.37 5.87 -13.47
N LYS A 238 -19.63 5.23 -12.33
CA LYS A 238 -19.41 5.92 -11.06
C LYS A 238 -17.92 6.02 -10.78
N TYR A 239 -17.18 4.93 -10.98
CA TYR A 239 -15.73 5.02 -10.83
C TYR A 239 -15.12 5.98 -11.84
N LEU A 240 -15.64 6.03 -13.09
CA LEU A 240 -15.02 6.83 -14.11
C LEU A 240 -15.06 8.31 -13.72
N SER A 241 -16.19 8.76 -13.13
N SER A 241 -16.17 8.80 -13.13
CA SER A 241 -16.27 10.14 -12.70
CA SER A 241 -16.20 10.23 -12.78
C SER A 241 -15.13 10.49 -11.75
C SER A 241 -15.14 10.54 -11.70
N ILE A 242 -14.84 9.59 -10.81
CA ILE A 242 -13.82 9.86 -9.81
C ILE A 242 -12.43 9.79 -10.41
N VAL A 243 -12.20 8.85 -11.33
CA VAL A 243 -10.94 8.81 -12.07
C VAL A 243 -10.69 10.16 -12.73
N LYS A 244 -11.70 10.72 -13.40
CA LYS A 244 -11.53 12.03 -14.05
C LYS A 244 -11.25 13.12 -13.04
N GLU A 245 -11.88 13.08 -11.88
N GLU A 245 -11.87 13.07 -11.86
CA GLU A 245 -11.57 14.06 -10.87
CA GLU A 245 -11.58 14.06 -10.80
C GLU A 245 -10.09 14.02 -10.46
C GLU A 245 -10.12 14.03 -10.40
N TYR A 246 -9.59 12.83 -10.17
CA TYR A 246 -8.20 12.73 -9.68
C TYR A 246 -7.22 13.02 -10.81
N ALA A 247 -7.55 12.67 -12.06
CA ALA A 247 -6.67 13.00 -13.19
C ALA A 247 -6.53 14.49 -13.34
N ASN A 248 -7.50 15.25 -12.87
CA ASN A 248 -7.55 16.69 -13.04
C ASN A 248 -7.26 17.48 -11.78
N ASP A 249 -6.85 16.85 -10.68
CA ASP A 249 -6.61 17.60 -9.47
C ASP A 249 -5.66 16.79 -8.60
N GLN A 250 -4.36 17.04 -8.78
N GLN A 250 -4.36 17.06 -8.77
CA GLN A 250 -3.34 16.29 -8.03
CA GLN A 250 -3.24 16.45 -7.99
C GLN A 250 -3.49 16.51 -6.52
C GLN A 250 -3.46 16.54 -6.51
N ASP A 251 -3.80 17.74 -6.07
CA ASP A 251 -3.91 17.98 -4.63
C ASP A 251 -5.06 17.19 -4.04
N LYS A 252 -6.21 17.17 -4.71
N LYS A 252 -6.20 17.17 -4.77
CA LYS A 252 -7.32 16.45 -4.14
CA LYS A 252 -7.39 16.43 -4.31
C LYS A 252 -7.10 14.90 -4.16
C LYS A 252 -7.02 14.94 -4.14
N PHE A 253 -6.41 14.38 -5.17
CA PHE A 253 -6.01 13.04 -5.11
C PHE A 253 -5.08 12.76 -3.90
N PHE A 254 -4.07 13.62 -3.68
CA PHE A 254 -3.18 13.44 -2.54
C PHE A 254 -3.93 13.43 -1.23
N LYS A 255 -4.83 14.40 -1.06
CA LYS A 255 -5.60 14.50 0.21
C LYS A 255 -6.47 13.27 0.42
N ASP A 256 -7.15 12.83 -0.63
CA ASP A 256 -8.07 11.69 -0.51
C ASP A 256 -7.27 10.38 -0.33
N PHE A 257 -6.16 10.21 -1.02
CA PHE A 257 -5.33 9.04 -0.82
C PHE A 257 -4.84 9.02 0.62
N SER A 258 -4.35 10.15 1.13
CA SER A 258 -3.81 10.16 2.50
C SER A 258 -4.86 9.68 3.50
N LYS A 259 -6.08 10.21 3.36
N LYS A 259 -6.11 10.19 3.39
CA LYS A 259 -7.15 9.79 4.29
CA LYS A 259 -7.17 9.76 4.33
C LYS A 259 -7.49 8.31 4.17
C LYS A 259 -7.52 8.28 4.18
N ALA A 260 -7.62 7.82 2.93
CA ALA A 260 -8.01 6.43 2.72
C ALA A 260 -6.91 5.48 3.18
N PHE A 261 -5.65 5.84 2.92
CA PHE A 261 -4.52 4.96 3.29
C PHE A 261 -4.34 4.92 4.80
N GLU A 262 -4.49 6.09 5.49
CA GLU A 262 -4.47 6.02 6.95
C GLU A 262 -5.60 5.14 7.47
N LYS A 263 -6.81 5.32 6.89
CA LYS A 263 -7.97 4.54 7.34
C LYS A 263 -7.69 3.05 7.14
N LEU A 264 -7.19 2.69 5.98
CA LEU A 264 -6.87 1.28 5.66
C LEU A 264 -5.92 0.72 6.74
N LEU A 265 -4.87 1.47 7.08
CA LEU A 265 -3.85 1.04 8.03
C LEU A 265 -4.38 1.03 9.44
N GLU A 266 -5.49 1.70 9.71
CA GLU A 266 -6.03 1.76 11.08
C GLU A 266 -7.29 0.93 11.26
N ASN A 267 -7.84 0.33 10.22
CA ASN A 267 -9.09 -0.45 10.36
C ASN A 267 -8.84 -1.53 11.39
N GLY A 268 -9.83 -1.68 12.28
CA GLY A 268 -9.80 -2.73 13.30
C GLY A 268 -9.27 -2.27 14.62
N ILE A 269 -8.69 -1.07 14.69
CA ILE A 269 -8.02 -0.58 15.90
C ILE A 269 -8.89 0.37 16.65
N THR A 270 -9.02 0.12 17.94
CA THR A 270 -9.68 1.09 18.83
C THR A 270 -8.61 2.00 19.48
N PHE A 271 -8.67 3.29 19.22
CA PHE A 271 -7.71 4.20 19.85
C PHE A 271 -8.40 4.80 21.10
N PRO A 272 -7.75 4.74 22.28
N PRO A 272 -7.89 4.46 22.30
CA PRO A 272 -8.23 5.46 23.49
CA PRO A 272 -8.48 4.96 23.53
C PRO A 272 -8.45 6.94 23.22
C PRO A 272 -8.52 6.49 23.47
N LYS A 273 -9.42 7.50 23.93
N LYS A 273 -9.47 7.13 24.16
CA LYS A 273 -9.64 8.94 23.82
CA LYS A 273 -9.70 8.58 23.99
C LYS A 273 -8.40 9.77 24.22
C LYS A 273 -8.51 9.51 24.32
N ASP A 274 -7.61 9.26 25.14
N ASP A 274 -7.62 9.06 25.19
CA ASP A 274 -6.35 9.91 25.52
CA ASP A 274 -6.40 9.80 25.54
C ASP A 274 -5.07 9.33 24.81
C ASP A 274 -5.10 9.27 24.85
N ALA A 275 -5.25 8.53 23.74
CA ALA A 275 -4.12 8.16 22.91
C ALA A 275 -3.49 9.40 22.34
N PRO A 276 -2.21 9.33 21.97
CA PRO A 276 -1.60 10.51 21.27
C PRO A 276 -2.33 10.79 19.97
N SER A 277 -2.28 12.04 19.58
CA SER A 277 -2.78 12.36 18.21
C SER A 277 -1.90 11.68 17.15
N PRO A 278 -2.43 11.52 15.95
CA PRO A 278 -1.60 10.97 14.85
C PRO A 278 -0.35 11.80 14.66
N PHE A 279 0.72 11.10 14.34
CA PHE A 279 2.00 11.73 14.04
C PHE A 279 2.12 12.02 12.56
N ILE A 280 2.71 13.16 12.23
CA ILE A 280 3.04 13.46 10.83
C ILE A 280 4.57 13.62 10.78
N PHE A 281 5.20 12.61 10.20
CA PHE A 281 6.67 12.60 10.13
C PHE A 281 7.21 13.50 9.08
N LYS A 282 8.31 14.13 9.41
N LYS A 282 8.35 14.13 9.36
CA LYS A 282 9.06 14.91 8.42
CA LYS A 282 9.11 14.93 8.40
C LYS A 282 9.82 13.99 7.49
C LYS A 282 9.87 14.02 7.48
N THR A 283 9.92 14.38 6.21
CA THR A 283 10.74 13.60 5.30
C THR A 283 12.23 13.84 5.56
N LEU A 284 13.09 12.97 5.03
CA LEU A 284 14.54 13.24 5.13
C LEU A 284 14.82 14.61 4.51
N GLU A 285 14.26 14.91 3.34
N GLU A 285 14.21 14.89 3.36
CA GLU A 285 14.53 16.18 2.71
CA GLU A 285 14.42 16.16 2.68
C GLU A 285 14.08 17.37 3.57
C GLU A 285 14.07 17.34 3.57
N GLU A 286 12.93 17.26 4.25
CA GLU A 286 12.50 18.38 5.15
C GLU A 286 13.49 18.54 6.32
N GLN A 287 14.11 17.47 6.77
CA GLN A 287 15.08 17.52 7.88
C GLN A 287 16.45 17.89 7.44
N GLY A 288 16.71 18.02 6.14
CA GLY A 288 18.08 18.30 5.69
C GLY A 288 18.98 17.08 5.84
N LEU A 289 18.44 15.86 5.82
CA LEU A 289 19.14 14.62 6.04
C LEU A 289 19.24 13.84 4.74
CHA HEM B . 1.15 -4.44 -7.25
CHB HEM B . -3.30 -6.36 -7.52
CHC HEM B . -4.96 -2.73 -4.78
CHD HEM B . -0.47 -1.15 -4.07
C1A HEM B . 0.12 -5.29 -7.53
C2A HEM B . 0.22 -6.51 -8.31
C3A HEM B . -1.05 -6.99 -8.41
C4A HEM B . -1.93 -6.14 -7.64
CMA HEM B . -1.48 -8.27 -9.10
CAA HEM B . 1.52 -7.03 -8.83
CBA HEM B . 2.28 -7.88 -7.76
CGA HEM B . 3.56 -8.38 -8.37
O1A HEM B . 3.48 -9.06 -9.43
O2A HEM B . 4.66 -8.08 -7.84
C1B HEM B . -4.16 -5.51 -6.87
C2B HEM B . -5.58 -5.63 -6.87
C3B HEM B . -6.07 -4.59 -6.12
C4B HEM B . -4.93 -3.81 -5.62
CMB HEM B . -6.36 -6.70 -7.57
CAB HEM B . -7.47 -4.22 -5.82
CBB HEM B . -8.52 -4.59 -6.58
C1C HEM B . -3.89 -2.07 -4.28
C2C HEM B . -3.97 -1.05 -3.27
C3C HEM B . -2.67 -0.62 -3.04
C4C HEM B . -1.80 -1.37 -3.92
CMC HEM B . -5.25 -0.64 -2.55
CAC HEM B . -2.16 0.33 -2.01
CBC HEM B . -2.77 1.49 -1.71
C1D HEM B . 0.35 -1.82 -4.97
C2D HEM B . 1.71 -1.45 -5.26
C3D HEM B . 2.17 -2.39 -6.20
C4D HEM B . 1.11 -3.30 -6.45
CMD HEM B . 2.44 -0.29 -4.70
CAD HEM B . 3.56 -2.46 -6.81
CBD HEM B . 4.48 -3.41 -6.06
CGD HEM B . 5.89 -3.53 -6.63
O1D HEM B . 6.61 -4.48 -6.14
O2D HEM B . 6.29 -2.77 -7.49
NA HEM B . -1.20 -5.10 -7.11
NB HEM B . -3.78 -4.42 -6.09
NC HEM B . -2.57 -2.26 -4.65
ND HEM B . -0.02 -2.93 -5.73
FE HEM B . -1.91 -3.62 -5.97
C1 IPH C . -0.62 -2.01 -12.36
C1 IPH C . 1.56 -1.29 -11.49
C2 IPH C . 0.73 -1.63 -12.61
C2 IPH C . 0.72 -1.45 -12.60
C3 IPH C . 1.66 -1.88 -11.60
C3 IPH C . -0.47 -2.21 -12.49
C4 IPH C . 1.29 -2.51 -10.43
C4 IPH C . -0.85 -2.81 -11.29
C5 IPH C . -0.02 -2.90 -10.20
C5 IPH C . 0.01 -2.67 -10.20
C6 IPH C . -0.98 -2.63 -11.17
C6 IPH C . 1.19 -1.92 -10.30
O1 IPH C . -1.60 -1.72 -13.28
O1 IPH C . 2.71 -0.54 -11.55
C1 IPH D . 10.83 -8.01 11.01
C1 IPH D . 9.95 -8.26 12.03
C2 IPH D . 10.49 -7.11 10.02
C2 IPH D . 10.84 -8.07 10.98
C3 IPH D . 9.32 -6.37 10.14
C3 IPH D . 10.55 -7.12 10.02
C4 IPH D . 8.46 -6.57 11.23
C4 IPH D . 9.39 -6.36 10.15
C5 IPH D . 8.79 -7.49 12.20
C5 IPH D . 8.50 -6.55 11.20
C6 IPH D . 9.97 -8.21 12.08
C6 IPH D . 8.79 -7.51 12.15
O1 IPH D . 11.99 -8.71 10.89
O1 IPH D . 10.23 -9.21 12.97
#